data_8PU1
#
_entry.id   8PU1
#
_cell.length_a   227.810
_cell.length_b   227.810
_cell.length_c   227.810
_cell.angle_alpha   90.00
_cell.angle_beta   90.00
_cell.angle_gamma   90.00
#
_symmetry.space_group_name_H-M   'F 41 3 2'
#
loop_
_entity.id
_entity.type
_entity.pdbx_description
1 polymer ATfaRel2
2 polymer 'RelA/SpoT domain-containing protein'
3 non-polymer N-PROPANOL
4 non-polymer 'CACODYLATE ION'
5 non-polymer GLYCEROL
6 non-polymer 'MAGNESIUM ION'
7 non-polymer 'DIPHOSPHOMETHYLPHOSPHONIC ACID ADENOSYL ESTER'
8 water water
#
loop_
_entity_poly.entity_id
_entity_poly.type
_entity_poly.pdbx_seq_one_letter_code
_entity_poly.pdbx_strand_id
1 'polypeptide(L)' GAMCYIIAKRFKKSGCVALKAKRGKELADFATDLQKKLGYDIQIVAITRPTAYGEYEPYKFVNSFEEFSIEASRL A
2 'polypeptide(L)'
;AMYILDKIGLNIEILESLSYESKLGMSFKRTLSHFNKEEVLKEIELINNWYFSLEIIDDLPLDSRIKSVSSAKMKFERYY
PNATYNRVFNDILGFRVICKSYDEVLELEKEDKIRVVDMSRGKSNDDGFRGIHVYYQRDNHHYPIEIQFNTYYDRQLNDW
LHDKFYKRGYDSSCGQLLRKYYENGKIKSAEELEEVLEDVLYHCKKI
;
B
#
# COMPACT_ATOMS: atom_id res chain seq x y z
N GLY A 1 0.05 -19.79 14.77
CA GLY A 1 1.12 -18.82 14.51
C GLY A 1 0.55 -17.57 13.85
N ALA A 2 1.40 -16.63 13.50
CA ALA A 2 0.91 -15.43 12.83
C ALA A 2 0.29 -15.73 11.47
N MET A 3 -0.84 -15.11 11.20
CA MET A 3 -1.53 -15.29 9.93
C MET A 3 -1.70 -13.92 9.23
N CYS A 4 -1.88 -13.93 7.92
CA CYS A 4 -2.16 -12.71 7.16
C CYS A 4 -3.51 -12.98 6.44
N TYR A 5 -3.96 -12.04 5.60
CA TYR A 5 -5.16 -12.26 4.81
C TYR A 5 -4.81 -12.01 3.36
N ILE A 6 -5.10 -12.96 2.49
CA ILE A 6 -4.91 -12.75 1.07
C ILE A 6 -6.26 -12.16 0.60
N ILE A 7 -6.19 -11.11 -0.18
CA ILE A 7 -7.34 -10.34 -0.64
C ILE A 7 -7.41 -10.30 -2.18
N ALA A 8 -8.61 -10.41 -2.75
CA ALA A 8 -8.82 -10.26 -4.19
C ALA A 8 -9.83 -9.13 -4.34
N LYS A 9 -9.56 -8.17 -5.24
CA LYS A 9 -10.46 -7.05 -5.46
C LYS A 9 -10.39 -6.58 -6.90
N ARG A 10 -11.54 -6.30 -7.51
CA ARG A 10 -11.54 -5.76 -8.85
C ARG A 10 -11.40 -4.25 -8.69
N PHE A 11 -10.44 -3.63 -9.42
CA PHE A 11 -10.26 -2.16 -9.37
C PHE A 11 -11.56 -1.44 -9.72
N LYS A 12 -11.88 -0.36 -9.00
CA LYS A 12 -13.10 0.41 -9.29
C LYS A 12 -14.42 -0.37 -9.03
N LYS A 13 -14.36 -1.46 -8.24
CA LYS A 13 -15.54 -2.21 -7.82
C LYS A 13 -15.33 -2.45 -6.32
N SER A 14 -16.22 -1.91 -5.49
CA SER A 14 -16.04 -2.00 -4.04
C SER A 14 -16.13 -3.43 -3.51
N GLY A 15 -15.48 -3.67 -2.39
CA GLY A 15 -15.52 -4.96 -1.74
C GLY A 15 -14.45 -5.92 -2.18
N CYS A 16 -14.15 -6.92 -1.34
CA CYS A 16 -13.11 -7.88 -1.68
C CYS A 16 -13.51 -9.30 -1.24
N VAL A 17 -12.72 -10.29 -1.64
CA VAL A 17 -12.80 -11.69 -1.18
C VAL A 17 -11.55 -11.80 -0.28
N ALA A 18 -11.67 -12.38 0.92
CA ALA A 18 -10.56 -12.45 1.87
C ALA A 18 -10.44 -13.87 2.45
N LEU A 19 -9.21 -14.34 2.63
CA LEU A 19 -8.93 -15.66 3.21
C LEU A 19 -7.79 -15.52 4.20
N LYS A 20 -7.98 -15.96 5.44
CA LYS A 20 -6.92 -15.97 6.44
C LYS A 20 -5.96 -17.07 6.03
N ALA A 21 -4.69 -16.75 5.92
CA ALA A 21 -3.70 -17.71 5.44
C ALA A 21 -2.33 -17.46 6.05
N LYS A 22 -1.52 -18.52 6.03
CA LYS A 22 -0.14 -18.44 6.59
C LYS A 22 0.82 -17.96 5.50
N ARG A 23 1.61 -16.94 5.82
CA ARG A 23 2.63 -16.44 4.87
C ARG A 23 3.67 -17.54 4.66
N GLY A 24 4.02 -17.78 3.41
CA GLY A 24 5.00 -18.82 3.08
C GLY A 24 5.00 -19.17 1.61
N LYS A 25 5.86 -20.09 1.23
CA LYS A 25 5.99 -20.53 -0.16
C LYS A 25 4.66 -20.97 -0.76
N GLU A 26 3.87 -21.77 -0.04
CA GLU A 26 2.59 -22.28 -0.53
C GLU A 26 1.64 -21.13 -0.87
N LEU A 27 1.50 -20.17 0.06
CA LEU A 27 0.61 -19.03 -0.17
C LEU A 27 1.12 -18.18 -1.34
N ALA A 28 2.43 -17.89 -1.35
CA ALA A 28 3.04 -17.04 -2.38
C ALA A 28 2.82 -17.61 -3.78
N ASP A 29 3.10 -18.93 -3.97
CA ASP A 29 2.95 -19.60 -5.25
C ASP A 29 1.49 -19.64 -5.67
N PHE A 30 0.56 -19.88 -4.73
CA PHE A 30 -0.88 -19.86 -5.00
C PHE A 30 -1.28 -18.46 -5.52
N ALA A 31 -0.84 -17.39 -4.84
CA ALA A 31 -1.19 -16.03 -5.19
C ALA A 31 -0.63 -15.65 -6.57
N THR A 32 0.65 -15.99 -6.86
CA THR A 32 1.26 -15.66 -8.16
C THR A 32 0.47 -16.34 -9.29
N ASP A 33 0.17 -17.63 -9.13
CA ASP A 33 -0.59 -18.40 -10.09
C ASP A 33 -2.00 -17.79 -10.30
N LEU A 34 -2.73 -17.54 -9.21
CA LEU A 34 -4.08 -17.00 -9.27
C LEU A 34 -4.10 -15.62 -9.95
N GLN A 35 -3.15 -14.74 -9.59
CA GLN A 35 -3.05 -13.40 -10.21
C GLN A 35 -2.94 -13.52 -11.76
N LYS A 36 -2.11 -14.45 -12.24
CA LYS A 36 -1.91 -14.67 -13.68
C LYS A 36 -3.23 -15.07 -14.34
N LYS A 37 -3.96 -16.02 -13.72
CA LYS A 37 -5.22 -16.51 -14.25
C LYS A 37 -6.32 -15.44 -14.26
N LEU A 38 -6.37 -14.61 -13.21
CA LEU A 38 -7.41 -13.59 -13.09
C LEU A 38 -7.23 -12.38 -14.01
N GLY A 39 -6.00 -12.13 -14.42
CA GLY A 39 -5.72 -10.99 -15.29
C GLY A 39 -5.47 -9.72 -14.51
N TYR A 40 -5.16 -8.65 -15.24
CA TYR A 40 -4.76 -7.38 -14.67
C TYR A 40 -5.89 -6.45 -14.17
N ASP A 41 -7.18 -6.82 -14.33
CA ASP A 41 -8.26 -5.97 -13.76
C ASP A 41 -8.56 -6.33 -12.27
N ILE A 42 -7.93 -7.42 -11.77
CA ILE A 42 -8.09 -7.92 -10.40
C ILE A 42 -6.74 -7.79 -9.67
N GLN A 43 -6.78 -7.34 -8.43
CA GLN A 43 -5.59 -7.25 -7.61
C GLN A 43 -5.60 -8.31 -6.53
N ILE A 44 -4.48 -9.05 -6.41
CA ILE A 44 -4.28 -10.01 -5.33
C ILE A 44 -3.27 -9.34 -4.41
N VAL A 45 -3.70 -9.01 -3.20
CA VAL A 45 -2.82 -8.36 -2.23
C VAL A 45 -2.80 -9.17 -0.89
N ALA A 46 -1.84 -8.88 -0.02
CA ALA A 46 -1.75 -9.54 1.29
C ALA A 46 -1.77 -8.41 2.32
N ILE A 47 -2.64 -8.51 3.32
CA ILE A 47 -2.69 -7.52 4.40
C ILE A 47 -2.54 -8.21 5.77
N THR A 48 -2.15 -7.45 6.77
CA THR A 48 -2.03 -7.96 8.12
C THR A 48 -3.42 -8.08 8.79
N ARG A 49 -4.24 -6.99 8.73
CA ARG A 49 -5.53 -6.93 9.43
C ARG A 49 -6.61 -6.21 8.61
N PRO A 50 -7.79 -6.86 8.45
CA PRO A 50 -8.90 -6.22 7.74
C PRO A 50 -9.33 -4.87 8.34
N THR A 51 -9.28 -4.73 9.67
CA THR A 51 -9.64 -3.47 10.32
C THR A 51 -8.67 -2.30 9.99
N ALA A 52 -7.46 -2.62 9.50
CA ALA A 52 -6.48 -1.59 9.10
C ALA A 52 -6.70 -1.10 7.65
N TYR A 53 -7.51 -1.83 6.84
CA TYR A 53 -7.69 -1.51 5.43
C TYR A 53 -9.14 -1.36 5.06
N GLY A 54 -9.67 -0.17 5.34
CA GLY A 54 -11.05 0.15 5.00
C GLY A 54 -11.30 0.23 3.51
N GLU A 55 -10.24 0.39 2.69
CA GLU A 55 -10.39 0.48 1.24
C GLU A 55 -10.94 -0.81 0.59
N TYR A 56 -10.94 -1.92 1.34
CA TYR A 56 -11.41 -3.21 0.78
C TYR A 56 -12.79 -3.60 1.32
N GLU A 57 -13.46 -2.71 2.07
CA GLU A 57 -14.79 -3.02 2.67
C GLU A 57 -15.86 -3.04 1.57
N PRO A 58 -16.89 -3.92 1.63
CA PRO A 58 -16.97 -5.00 2.62
C PRO A 58 -16.11 -6.24 2.34
N TYR A 59 -15.76 -6.98 3.39
CA TYR A 59 -14.89 -8.18 3.23
C TYR A 59 -15.76 -9.43 3.13
N LYS A 60 -15.64 -10.17 2.02
CA LYS A 60 -16.39 -11.42 1.88
C LYS A 60 -15.41 -12.51 2.32
N PHE A 61 -15.46 -12.90 3.60
CA PHE A 61 -14.54 -13.90 4.11
C PHE A 61 -14.85 -15.33 3.61
N VAL A 62 -13.83 -16.06 3.19
CA VAL A 62 -14.00 -17.45 2.73
C VAL A 62 -13.12 -18.39 3.59
N ASN A 63 -13.35 -19.72 3.51
CA ASN A 63 -12.64 -20.62 4.40
C ASN A 63 -11.70 -21.61 3.76
N SER A 64 -11.39 -21.45 2.47
CA SER A 64 -10.45 -22.34 1.80
C SER A 64 -9.84 -21.69 0.57
N PHE A 65 -8.69 -22.24 0.12
CA PHE A 65 -8.06 -21.74 -1.12
C PHE A 65 -9.03 -21.98 -2.31
N GLU A 66 -9.75 -23.11 -2.30
CA GLU A 66 -10.69 -23.45 -3.38
C GLU A 66 -11.81 -22.41 -3.44
N GLU A 67 -12.38 -22.04 -2.29
CA GLU A 67 -13.45 -21.04 -2.27
C GLU A 67 -12.90 -19.67 -2.66
N PHE A 68 -11.68 -19.35 -2.22
CA PHE A 68 -11.01 -18.08 -2.54
C PHE A 68 -10.86 -17.97 -4.07
N SER A 69 -10.34 -19.03 -4.72
CA SER A 69 -10.16 -19.07 -6.17
C SER A 69 -11.50 -18.81 -6.89
N ILE A 70 -12.55 -19.52 -6.49
CA ILE A 70 -13.88 -19.41 -7.09
C ILE A 70 -14.45 -18.01 -6.94
N GLU A 71 -14.47 -17.49 -5.72
CA GLU A 71 -15.01 -16.17 -5.45
C GLU A 71 -14.19 -15.03 -6.12
N ALA A 72 -12.87 -15.16 -6.12
CA ALA A 72 -11.99 -14.17 -6.77
C ALA A 72 -12.29 -14.12 -8.28
N SER A 73 -12.53 -15.31 -8.89
CA SER A 73 -12.82 -15.38 -10.33
CA SER A 73 -12.82 -15.41 -10.32
C SER A 73 -14.19 -14.83 -10.70
N ARG A 74 -15.09 -14.62 -9.71
CA ARG A 74 -16.43 -14.06 -9.90
C ARG A 74 -16.45 -12.51 -9.79
N LEU A 75 -15.36 -11.89 -9.28
CA LEU A 75 -15.26 -10.42 -9.15
C LEU A 75 -15.42 -9.71 -10.50
N ALA B 1 17.11 3.97 18.02
CA ALA B 1 17.33 5.31 18.56
C ALA B 1 16.23 6.31 18.17
N MET B 2 15.48 6.06 17.06
CA MET B 2 14.38 6.97 16.72
C MET B 2 13.06 6.54 17.37
N TYR B 3 12.47 7.45 18.16
CA TYR B 3 11.25 7.17 18.90
C TYR B 3 10.13 6.53 18.05
N ILE B 4 9.75 7.19 16.94
CA ILE B 4 8.70 6.65 16.07
C ILE B 4 9.02 5.21 15.57
N LEU B 5 10.29 4.93 15.23
CA LEU B 5 10.66 3.58 14.78
C LEU B 5 10.58 2.57 15.92
N ASP B 6 11.03 2.96 17.13
CA ASP B 6 10.92 2.10 18.32
C ASP B 6 9.44 1.72 18.58
N LYS B 7 8.53 2.71 18.47
CA LYS B 7 7.11 2.48 18.71
C LYS B 7 6.47 1.47 17.72
N ILE B 8 7.01 1.41 16.49
CA ILE B 8 6.47 0.50 15.46
C ILE B 8 7.36 -0.74 15.20
N GLY B 9 8.31 -0.99 16.12
CA GLY B 9 9.18 -2.15 16.06
C GLY B 9 10.03 -2.25 14.82
N LEU B 10 10.40 -1.10 14.23
CA LEU B 10 11.29 -1.09 13.06
C LEU B 10 12.63 -0.41 13.40
N ASN B 11 13.63 -0.63 12.54
CA ASN B 11 14.90 0.05 12.57
C ASN B 11 15.52 -0.08 11.16
N ILE B 12 16.63 0.65 10.93
CA ILE B 12 17.30 0.60 9.64
C ILE B 12 17.70 -0.82 9.24
N GLU B 13 18.23 -1.63 10.18
CA GLU B 13 18.62 -3.01 9.89
C GLU B 13 17.44 -3.86 9.37
N ILE B 14 16.27 -3.74 10.04
CA ILE B 14 15.08 -4.46 9.62
C ILE B 14 14.65 -3.99 8.20
N LEU B 15 14.66 -2.69 7.96
CA LEU B 15 14.30 -2.11 6.66
C LEU B 15 15.24 -2.62 5.55
N GLU B 16 16.55 -2.68 5.86
CA GLU B 16 17.56 -3.24 4.96
C GLU B 16 17.22 -4.71 4.61
N SER B 17 16.87 -5.52 5.62
CA SER B 17 16.55 -6.94 5.42
C SER B 17 15.31 -7.17 4.54
N LEU B 18 14.36 -6.22 4.59
CA LEU B 18 13.11 -6.28 3.83
C LEU B 18 13.23 -5.63 2.41
N SER B 19 14.44 -5.15 2.05
CA SER B 19 14.68 -4.48 0.78
C SER B 19 15.03 -5.45 -0.35
N TYR B 20 14.35 -5.30 -1.48
CA TYR B 20 14.56 -6.19 -2.63
C TYR B 20 15.51 -5.56 -3.61
N GLU B 21 16.58 -6.26 -3.93
CA GLU B 21 17.55 -5.78 -4.88
C GLU B 21 17.11 -6.08 -6.31
N SER B 22 16.96 -5.03 -7.10
CA SER B 22 16.61 -5.20 -8.51
C SER B 22 17.77 -5.88 -9.26
N LYS B 23 17.42 -6.72 -10.23
CA LYS B 23 18.39 -7.35 -11.13
C LYS B 23 18.25 -6.79 -12.57
N LEU B 24 17.54 -5.66 -12.75
CA LEU B 24 17.33 -5.04 -14.04
C LEU B 24 18.57 -4.32 -14.60
N GLY B 25 19.57 -4.06 -13.74
CA GLY B 25 20.80 -3.38 -14.18
C GLY B 25 20.59 -1.94 -14.57
N MET B 26 19.54 -1.30 -14.01
CA MET B 26 19.23 0.09 -14.35
C MET B 26 18.94 0.90 -13.07
N SER B 27 19.57 2.08 -12.94
CA SER B 27 19.36 2.91 -11.76
C SER B 27 17.91 3.34 -11.66
N PHE B 28 17.33 3.20 -10.46
CA PHE B 28 15.95 3.66 -10.23
C PHE B 28 15.81 5.21 -10.23
N LYS B 29 16.91 5.95 -10.37
CA LYS B 29 16.90 7.40 -10.59
C LYS B 29 16.42 7.72 -12.02
N ARG B 30 16.43 6.73 -12.95
CA ARG B 30 16.05 6.91 -14.35
C ARG B 30 14.55 6.97 -14.55
N THR B 31 14.13 7.61 -15.64
CA THR B 31 12.72 7.69 -15.97
C THR B 31 12.23 6.34 -16.53
N LEU B 32 10.88 6.14 -16.59
CA LEU B 32 10.30 4.90 -17.13
C LEU B 32 10.68 4.61 -18.58
N SER B 33 11.04 5.66 -19.34
CA SER B 33 11.50 5.52 -20.72
C SER B 33 12.65 4.47 -20.83
N HIS B 34 13.48 4.38 -19.77
CA HIS B 34 14.63 3.46 -19.78
C HIS B 34 14.30 2.03 -19.35
N PHE B 35 13.03 1.71 -19.13
CA PHE B 35 12.64 0.38 -18.66
C PHE B 35 11.69 -0.32 -19.63
N ASN B 36 11.75 -1.65 -19.66
CA ASN B 36 10.86 -2.45 -20.49
C ASN B 36 9.71 -2.93 -19.59
N LYS B 37 8.46 -2.59 -19.95
CA LYS B 37 7.28 -2.93 -19.17
C LYS B 37 7.22 -4.42 -18.77
N GLU B 38 7.47 -5.33 -19.74
CA GLU B 38 7.44 -6.77 -19.46
C GLU B 38 8.50 -7.20 -18.43
N GLU B 39 9.72 -6.66 -18.54
CA GLU B 39 10.79 -6.95 -17.58
C GLU B 39 10.37 -6.45 -16.18
N VAL B 40 9.86 -5.21 -16.10
CA VAL B 40 9.43 -4.62 -14.83
C VAL B 40 8.33 -5.46 -14.16
N LEU B 41 7.31 -5.85 -14.91
CA LEU B 41 6.22 -6.65 -14.37
C LEU B 41 6.69 -8.05 -13.90
N LYS B 42 7.65 -8.67 -14.63
CA LYS B 42 8.18 -9.97 -14.20
C LYS B 42 8.94 -9.79 -12.88
N GLU B 43 9.75 -8.72 -12.76
CA GLU B 43 10.48 -8.48 -11.52
C GLU B 43 9.53 -8.20 -10.36
N ILE B 44 8.50 -7.36 -10.58
CA ILE B 44 7.52 -7.05 -9.52
C ILE B 44 6.72 -8.31 -9.10
N GLU B 45 6.44 -9.22 -10.05
CA GLU B 45 5.81 -10.50 -9.73
C GLU B 45 6.67 -11.28 -8.71
N LEU B 46 8.00 -11.29 -8.93
CA LEU B 46 8.93 -11.98 -8.01
C LEU B 46 8.96 -11.30 -6.63
N ILE B 47 8.97 -9.97 -6.61
CA ILE B 47 8.97 -9.20 -5.35
C ILE B 47 7.71 -9.46 -4.54
N ASN B 48 6.55 -9.42 -5.20
CA ASN B 48 5.25 -9.71 -4.60
C ASN B 48 5.28 -11.14 -3.99
N ASN B 49 5.79 -12.12 -4.75
CA ASN B 49 5.96 -13.50 -4.31
C ASN B 49 6.84 -13.59 -3.03
N TRP B 50 7.98 -12.88 -3.04
CA TRP B 50 8.89 -12.81 -1.89
C TRP B 50 8.16 -12.30 -0.63
N TYR B 51 7.47 -11.17 -0.75
CA TYR B 51 6.73 -10.60 0.38
C TYR B 51 5.58 -11.48 0.86
N PHE B 52 4.91 -12.22 -0.05
CA PHE B 52 3.87 -13.19 0.38
C PHE B 52 4.46 -14.39 1.15
N SER B 53 5.79 -14.58 1.11
CA SER B 53 6.44 -15.70 1.76
C SER B 53 7.20 -15.31 3.06
N LEU B 54 7.28 -14.00 3.40
CA LEU B 54 8.03 -13.53 4.59
C LEU B 54 7.23 -13.45 5.87
N GLU B 55 7.25 -14.52 6.68
CA GLU B 55 6.54 -14.59 7.96
C GLU B 55 6.83 -13.41 8.89
N ILE B 56 8.08 -12.90 8.91
CA ILE B 56 8.49 -11.78 9.78
C ILE B 56 7.57 -10.58 9.67
N ILE B 57 6.99 -10.35 8.48
CA ILE B 57 6.09 -9.23 8.26
C ILE B 57 4.89 -9.27 9.22
N ASP B 58 4.30 -10.45 9.41
CA ASP B 58 3.16 -10.59 10.31
C ASP B 58 3.50 -10.45 11.80
N ASP B 59 4.79 -10.60 12.16
CA ASP B 59 5.25 -10.47 13.54
C ASP B 59 5.57 -9.03 13.96
N LEU B 60 5.81 -8.12 13.00
CA LEU B 60 6.12 -6.71 13.32
C LEU B 60 4.89 -6.00 13.95
N PRO B 61 5.08 -5.10 14.93
CA PRO B 61 3.92 -4.46 15.60
C PRO B 61 3.30 -3.28 14.83
N LEU B 62 3.11 -3.48 13.53
CA LEU B 62 2.50 -2.42 12.68
C LEU B 62 1.88 -3.09 11.45
N ASP B 63 0.89 -2.44 10.84
CA ASP B 63 0.16 -3.08 9.71
C ASP B 63 0.90 -2.88 8.39
N SER B 64 0.67 -3.77 7.42
CA SER B 64 1.35 -3.67 6.11
C SER B 64 0.48 -4.21 4.96
N ARG B 65 0.83 -3.87 3.73
CA ARG B 65 0.06 -4.31 2.55
C ARG B 65 1.04 -4.63 1.42
N ILE B 66 0.87 -5.77 0.75
CA ILE B 66 1.74 -6.13 -0.40
C ILE B 66 0.99 -5.81 -1.70
N LYS B 67 1.36 -4.72 -2.38
CA LYS B 67 0.62 -4.34 -3.58
C LYS B 67 0.80 -5.35 -4.73
N SER B 68 -0.22 -5.41 -5.59
CA SER B 68 -0.30 -6.37 -6.68
C SER B 68 0.48 -5.98 -7.94
N VAL B 69 0.80 -6.97 -8.76
CA VAL B 69 1.40 -6.72 -10.07
C VAL B 69 0.41 -5.91 -10.96
N SER B 70 -0.93 -6.10 -10.78
CA SER B 70 -1.92 -5.36 -11.54
CA SER B 70 -1.89 -5.36 -11.57
C SER B 70 -1.81 -3.86 -11.28
N SER B 71 -1.59 -3.47 -9.99
CA SER B 71 -1.39 -2.06 -9.62
C SER B 71 -0.13 -1.53 -10.31
N ALA B 72 0.96 -2.32 -10.31
CA ALA B 72 2.22 -1.93 -10.95
C ALA B 72 2.02 -1.70 -12.45
N LYS B 73 1.22 -2.55 -13.11
CA LYS B 73 0.95 -2.41 -14.55
C LYS B 73 0.22 -1.10 -14.83
N MET B 74 -0.82 -0.80 -14.06
CA MET B 74 -1.56 0.44 -14.23
C MET B 74 -0.67 1.66 -13.98
N LYS B 75 0.20 1.59 -12.95
CA LYS B 75 1.12 2.68 -12.65
C LYS B 75 2.09 2.90 -13.81
N PHE B 76 2.63 1.81 -14.37
CA PHE B 76 3.56 1.91 -15.49
C PHE B 76 2.91 2.60 -16.68
N GLU B 77 1.71 2.15 -17.04
CA GLU B 77 0.98 2.72 -18.16
C GLU B 77 0.59 4.19 -17.94
N ARG B 78 0.27 4.55 -16.70
CA ARG B 78 -0.10 5.92 -16.37
C ARG B 78 1.10 6.90 -16.40
N TYR B 79 2.24 6.47 -15.87
CA TYR B 79 3.39 7.36 -15.70
C TYR B 79 4.49 7.27 -16.79
N TYR B 80 4.39 6.32 -17.72
CA TYR B 80 5.39 6.19 -18.79
C TYR B 80 5.24 7.36 -19.79
N PRO B 81 6.35 7.95 -20.27
CA PRO B 81 7.74 7.59 -19.99
C PRO B 81 8.50 8.52 -19.07
N ASN B 82 7.90 9.64 -18.64
CA ASN B 82 8.64 10.70 -17.96
C ASN B 82 8.78 10.60 -16.44
N ALA B 83 7.97 9.79 -15.75
CA ALA B 83 8.12 9.66 -14.29
C ALA B 83 9.41 8.92 -13.89
N THR B 84 10.03 9.16 -12.81
CA THR B 84 11.22 8.54 -12.23
C THR B 84 10.82 7.18 -11.55
N TYR B 85 11.56 6.12 -11.86
CA TYR B 85 11.19 4.78 -11.35
C TYR B 85 10.99 4.76 -9.83
N ASN B 86 11.90 5.40 -9.09
CA ASN B 86 11.84 5.35 -7.61
C ASN B 86 10.59 6.08 -7.06
N ARG B 87 9.96 6.93 -7.86
CA ARG B 87 8.75 7.68 -7.43
C ARG B 87 7.48 6.88 -7.79
N VAL B 88 7.61 5.89 -8.67
CA VAL B 88 6.43 5.12 -9.13
C VAL B 88 6.35 3.80 -8.38
N PHE B 89 7.42 3.00 -8.38
CA PHE B 89 7.36 1.66 -7.76
C PHE B 89 7.94 1.76 -6.34
N ASN B 90 7.31 2.61 -5.52
CA ASN B 90 7.85 2.85 -4.19
C ASN B 90 6.98 2.34 -3.05
N ASP B 91 5.98 1.50 -3.36
CA ASP B 91 5.06 1.04 -2.32
C ASP B 91 4.67 -0.42 -2.44
N ILE B 92 5.55 -1.29 -3.01
CA ILE B 92 5.22 -2.72 -3.09
C ILE B 92 4.98 -3.28 -1.69
N LEU B 93 5.90 -2.97 -0.76
CA LEU B 93 5.71 -3.25 0.65
C LEU B 93 5.35 -1.87 1.22
N GLY B 94 4.19 -1.79 1.83
CA GLY B 94 3.74 -0.55 2.43
C GLY B 94 3.19 -0.74 3.83
N PHE B 95 3.83 -0.14 4.84
CA PHE B 95 3.35 -0.21 6.22
C PHE B 95 2.32 0.91 6.45
N ARG B 96 1.49 0.78 7.49
CA ARG B 96 0.48 1.76 7.80
C ARG B 96 0.42 1.92 9.30
N VAL B 97 0.52 3.16 9.80
CA VAL B 97 0.53 3.34 11.25
C VAL B 97 -0.21 4.62 11.67
N ILE B 98 -0.80 4.60 12.88
CA ILE B 98 -1.40 5.80 13.45
C ILE B 98 -0.28 6.45 14.27
N CYS B 99 0.02 7.72 14.00
CA CYS B 99 1.00 8.43 14.80
C CYS B 99 0.27 9.32 15.80
N LYS B 100 0.87 9.50 16.99
CA LYS B 100 0.33 10.38 18.02
C LYS B 100 0.33 11.84 17.51
N SER B 101 1.41 12.25 16.86
CA SER B 101 1.56 13.60 16.32
C SER B 101 2.47 13.55 15.09
N TYR B 102 2.31 14.50 14.14
CA TYR B 102 3.17 14.48 12.95
C TYR B 102 4.62 14.87 13.26
N ASP B 103 4.86 15.60 14.39
CA ASP B 103 6.21 15.99 14.80
C ASP B 103 7.10 14.77 15.07
N GLU B 104 6.55 13.66 15.64
CA GLU B 104 7.38 12.46 15.86
C GLU B 104 7.79 11.80 14.52
N VAL B 105 6.99 11.99 13.47
CA VAL B 105 7.30 11.44 12.16
C VAL B 105 8.46 12.22 11.52
N LEU B 106 8.46 13.54 11.67
CA LEU B 106 9.49 14.38 11.04
C LEU B 106 10.91 14.09 11.52
N GLU B 107 11.09 13.39 12.65
CA GLU B 107 12.42 12.98 13.10
C GLU B 107 13.10 12.06 12.02
N LEU B 108 12.30 11.31 11.23
CA LEU B 108 12.81 10.44 10.17
C LEU B 108 13.65 11.16 9.09
N GLU B 109 13.46 12.48 8.96
CA GLU B 109 14.22 13.30 8.01
C GLU B 109 15.73 13.19 8.22
N LYS B 110 16.16 12.86 9.46
CA LYS B 110 17.57 12.66 9.84
C LYS B 110 18.24 11.53 9.06
N GLU B 111 17.46 10.53 8.62
CA GLU B 111 17.98 9.40 7.88
C GLU B 111 18.10 9.75 6.41
N ASP B 112 19.33 9.75 5.87
CA ASP B 112 19.58 10.09 4.46
C ASP B 112 18.75 9.19 3.50
N LYS B 113 18.55 7.92 3.86
CA LYS B 113 17.83 6.99 3.00
C LYS B 113 16.31 7.09 3.10
N ILE B 114 15.78 8.03 3.91
CA ILE B 114 14.33 8.15 4.06
C ILE B 114 13.86 9.46 3.44
N ARG B 115 12.98 9.36 2.44
CA ARG B 115 12.36 10.50 1.78
C ARG B 115 11.00 10.75 2.47
N VAL B 116 10.76 11.97 2.94
CA VAL B 116 9.53 12.33 3.64
C VAL B 116 8.59 13.11 2.73
N VAL B 117 7.37 12.61 2.57
CA VAL B 117 6.36 13.28 1.76
C VAL B 117 5.29 13.78 2.74
N ASP B 118 5.47 15.02 3.16
CA ASP B 118 4.65 15.62 4.19
C ASP B 118 3.38 16.24 3.61
N MET B 119 2.27 15.50 3.71
CA MET B 119 0.98 16.04 3.26
C MET B 119 0.07 16.35 4.47
N SER B 120 0.66 16.74 5.63
CA SER B 120 -0.12 17.02 6.84
C SER B 120 -0.96 18.32 6.70
N ARG B 121 -0.58 19.21 5.75
CA ARG B 121 -1.34 20.41 5.39
C ARG B 121 -1.89 20.31 3.94
N GLY B 122 -1.85 19.09 3.40
CA GLY B 122 -2.35 18.88 2.03
C GLY B 122 -1.26 18.54 1.04
N LYS B 123 -1.68 18.04 -0.12
CA LYS B 123 -0.72 17.80 -1.21
C LYS B 123 -0.57 19.10 -2.00
N SER B 124 0.41 19.18 -2.91
CA SER B 124 0.51 20.36 -3.80
C SER B 124 -0.87 20.59 -4.43
N ASN B 125 -1.46 19.55 -5.01
CA ASN B 125 -2.86 19.64 -5.52
C ASN B 125 -3.77 19.14 -4.39
N ASP B 126 -4.18 20.04 -3.49
CA ASP B 126 -4.98 19.63 -2.30
C ASP B 126 -6.31 19.02 -2.70
N ASP B 127 -6.53 17.77 -2.29
CA ASP B 127 -7.80 17.07 -2.53
C ASP B 127 -8.45 16.57 -1.24
N GLY B 128 -8.17 17.22 -0.11
CA GLY B 128 -8.74 16.82 1.18
C GLY B 128 -7.93 15.81 1.97
N PHE B 129 -7.13 14.95 1.30
CA PHE B 129 -6.30 13.94 1.98
C PHE B 129 -5.25 14.61 2.88
N ARG B 130 -4.97 14.00 4.06
CA ARG B 130 -3.99 14.52 5.00
C ARG B 130 -3.20 13.32 5.62
N GLY B 131 -1.89 13.44 5.68
CA GLY B 131 -1.04 12.38 6.25
C GLY B 131 0.41 12.61 5.87
N ILE B 132 1.31 11.76 6.34
CA ILE B 132 2.73 11.86 5.96
C ILE B 132 3.14 10.48 5.51
N HIS B 133 3.65 10.37 4.31
CA HIS B 133 4.16 9.10 3.80
C HIS B 133 5.66 9.21 3.71
N VAL B 134 6.38 8.19 4.16
CA VAL B 134 7.84 8.19 4.07
C VAL B 134 8.30 6.97 3.24
N TYR B 135 9.48 7.06 2.63
CA TYR B 135 9.98 5.99 1.77
C TYR B 135 11.43 5.74 2.08
N TYR B 136 11.73 4.54 2.53
CA TYR B 136 13.09 4.11 2.80
C TYR B 136 13.59 3.46 1.51
N GLN B 137 14.82 3.78 1.08
CA GLN B 137 15.37 3.08 -0.09
C GLN B 137 16.85 2.75 0.21
N ARG B 138 17.18 1.45 0.29
CA ARG B 138 18.53 1.02 0.67
C ARG B 138 19.62 1.61 -0.23
N ASP B 139 19.37 1.63 -1.55
CA ASP B 139 20.29 2.23 -2.54
C ASP B 139 19.54 2.42 -3.88
N ASN B 140 20.20 2.95 -4.93
CA ASN B 140 19.50 3.25 -6.18
C ASN B 140 19.06 1.99 -6.98
N HIS B 141 19.39 0.79 -6.51
CA HIS B 141 18.98 -0.44 -7.18
C HIS B 141 18.05 -1.31 -6.30
N HIS B 142 17.58 -0.79 -5.14
CA HIS B 142 16.61 -1.52 -4.32
C HIS B 142 15.24 -0.81 -4.39
N TYR B 143 14.16 -1.59 -4.26
CA TYR B 143 12.82 -1.01 -4.29
C TYR B 143 12.58 -0.26 -2.97
N PRO B 144 11.99 0.95 -3.01
CA PRO B 144 11.65 1.63 -1.75
C PRO B 144 10.60 0.87 -0.94
N ILE B 145 10.56 1.17 0.35
CA ILE B 145 9.57 0.64 1.27
C ILE B 145 8.81 1.85 1.85
N GLU B 146 7.49 1.82 1.78
CA GLU B 146 6.66 2.93 2.25
C GLU B 146 6.19 2.73 3.69
N ILE B 147 5.97 3.84 4.42
CA ILE B 147 5.28 3.82 5.70
C ILE B 147 4.31 4.99 5.65
N GLN B 148 3.03 4.73 5.73
CA GLN B 148 1.99 5.74 5.76
C GLN B 148 1.64 6.07 7.20
N PHE B 149 1.76 7.33 7.57
CA PHE B 149 1.40 7.80 8.89
C PHE B 149 0.17 8.70 8.80
N ASN B 150 -0.76 8.50 9.72
CA ASN B 150 -1.93 9.39 9.84
C ASN B 150 -2.26 9.56 11.33
N THR B 151 -2.77 10.74 11.73
CA THR B 151 -3.33 10.87 13.08
C THR B 151 -4.74 10.21 12.99
N TYR B 152 -5.39 9.90 14.14
CA TYR B 152 -6.77 9.36 14.10
C TYR B 152 -7.71 10.39 13.43
N TYR B 153 -7.52 11.68 13.72
CA TYR B 153 -8.38 12.74 13.16
C TYR B 153 -8.33 12.71 11.62
N ASP B 154 -7.11 12.65 11.03
CA ASP B 154 -6.96 12.62 9.58
C ASP B 154 -7.38 11.31 8.98
N ARG B 155 -7.06 10.20 9.65
CA ARG B 155 -7.46 8.87 9.20
C ARG B 155 -8.99 8.76 8.99
N GLN B 156 -9.77 9.32 9.93
CA GLN B 156 -11.23 9.27 9.80
C GLN B 156 -11.72 9.89 8.48
N LEU B 157 -11.29 11.10 8.16
CA LEU B 157 -11.77 11.73 6.90
C LEU B 157 -11.16 11.00 5.70
N ASN B 158 -9.88 10.61 5.78
CA ASN B 158 -9.27 9.88 4.67
C ASN B 158 -10.09 8.67 4.28
N ASP B 159 -10.61 7.93 5.29
CA ASP B 159 -11.43 6.75 5.06
C ASP B 159 -12.72 7.14 4.32
N TRP B 160 -13.40 8.20 4.78
CA TRP B 160 -14.63 8.71 4.16
C TRP B 160 -14.39 9.25 2.75
N LEU B 161 -13.25 9.94 2.53
CA LEU B 161 -12.85 10.45 1.22
C LEU B 161 -12.64 9.26 0.29
N HIS B 162 -12.05 8.17 0.79
CA HIS B 162 -11.84 6.98 0.00
C HIS B 162 -13.18 6.35 -0.35
N ASP B 163 -14.12 6.34 0.58
CA ASP B 163 -15.42 5.69 0.30
C ASP B 163 -16.21 6.45 -0.77
N LYS B 164 -16.00 7.76 -0.92
CA LYS B 164 -16.90 8.54 -1.81
C LYS B 164 -16.22 9.33 -2.95
N PHE B 165 -14.94 9.67 -2.85
CA PHE B 165 -14.35 10.58 -3.88
C PHE B 165 -13.09 10.04 -4.55
N ASP B 171 -13.37 16.79 -9.16
CA ASP B 171 -12.33 17.84 -9.01
C ASP B 171 -11.73 17.79 -7.61
N SER B 172 -10.45 18.10 -7.49
CA SER B 172 -9.78 18.15 -6.17
C SER B 172 -10.61 19.03 -5.23
N SER B 173 -11.28 20.04 -5.79
CA SER B 173 -12.09 20.98 -4.96
C SER B 173 -13.20 20.23 -4.24
N CYS B 174 -13.60 19.08 -4.75
CA CYS B 174 -14.67 18.31 -4.10
C CYS B 174 -14.17 17.74 -2.75
N GLY B 175 -13.01 17.09 -2.78
CA GLY B 175 -12.39 16.54 -1.57
C GLY B 175 -11.91 17.64 -0.64
N GLN B 176 -11.43 18.75 -1.22
CA GLN B 176 -10.96 19.92 -0.49
C GLN B 176 -12.10 20.56 0.30
N LEU B 177 -13.32 20.61 -0.30
CA LEU B 177 -14.49 21.17 0.36
C LEU B 177 -14.99 20.21 1.45
N LEU B 178 -14.94 18.90 1.19
CA LEU B 178 -15.33 17.88 2.16
C LEU B 178 -14.42 17.98 3.41
N ARG B 179 -13.12 18.24 3.21
CA ARG B 179 -12.16 18.40 4.32
C ARG B 179 -12.48 19.67 5.11
N LYS B 180 -12.87 20.76 4.41
CA LYS B 180 -13.27 22.02 5.06
C LYS B 180 -14.52 21.78 5.93
N TYR B 181 -15.51 21.02 5.41
CA TYR B 181 -16.73 20.71 6.16
C TYR B 181 -16.42 19.82 7.37
N TYR B 182 -15.49 18.88 7.20
CA TYR B 182 -15.05 18.01 8.29
C TYR B 182 -14.38 18.83 9.39
N GLU B 183 -13.50 19.76 9.00
CA GLU B 183 -12.80 20.64 9.95
C GLU B 183 -13.75 21.61 10.67
N ASN B 184 -14.93 21.88 10.08
CA ASN B 184 -15.95 22.76 10.66
C ASN B 184 -17.00 22.01 11.51
N GLY B 185 -16.87 20.69 11.65
CA GLY B 185 -17.81 19.89 12.42
C GLY B 185 -19.05 19.44 11.68
N LYS B 186 -19.09 19.64 10.36
CA LYS B 186 -20.25 19.29 9.54
C LYS B 186 -20.34 17.81 9.17
N ILE B 187 -19.22 17.05 9.29
CA ILE B 187 -19.23 15.62 8.97
C ILE B 187 -18.72 14.83 10.18
N LYS B 188 -19.62 14.20 10.94
CA LYS B 188 -19.22 13.48 12.17
C LYS B 188 -19.49 11.97 12.17
N SER B 189 -20.08 11.44 11.08
CA SER B 189 -20.37 10.01 10.99
C SER B 189 -20.58 9.57 9.53
N ALA B 190 -20.76 8.26 9.30
CA ALA B 190 -21.05 7.75 7.96
C ALA B 190 -22.45 8.20 7.51
N GLU B 191 -23.40 8.36 8.46
CA GLU B 191 -24.76 8.82 8.18
C GLU B 191 -24.73 10.31 7.80
N GLU B 192 -23.93 11.12 8.53
CA GLU B 192 -23.78 12.55 8.24
C GLU B 192 -23.00 12.82 6.95
N LEU B 193 -22.13 11.89 6.54
CA LEU B 193 -21.37 12.02 5.30
C LEU B 193 -22.28 11.82 4.07
N GLU B 194 -23.37 11.07 4.25
CA GLU B 194 -24.27 10.75 3.11
C GLU B 194 -25.26 11.90 2.85
N GLU B 195 -25.37 12.86 3.76
CA GLU B 195 -26.26 14.03 3.54
C GLU B 195 -25.48 15.15 2.87
N VAL B 196 -24.27 15.45 3.36
CA VAL B 196 -23.47 16.59 2.82
C VAL B 196 -22.96 16.24 1.43
#